data_8T24
#
_entry.id   8T24
#
_cell.length_a   80.418
_cell.length_b   55.502
_cell.length_c   85.168
_cell.angle_alpha   90.000
_cell.angle_beta   115.090
_cell.angle_gamma   90.000
#
_symmetry.space_group_name_H-M   'P 1 21 1'
#
loop_
_entity.id
_entity.type
_entity.pdbx_description
1 polymer Sialidase
2 non-polymer 'CITRATE ANION'
3 non-polymer DI(HYDROXYETHYL)ETHER
4 non-polymer 'TRIETHYLENE GLYCOL'
5 non-polymer D-fructose
6 water water
#
_entity_poly.entity_id   1
_entity_poly.type   'polypeptide(L)'
_entity_poly.pdbx_seq_one_letter_code
;MRGSHHHHHHGSMQEVTMWGDSHGVAPNQVRRTLVKVALSESLPPGAKQIRIGFSLPKETEEKVTALYLLVSDSLAVRDL
PDYKGRVSYDSFPISKEDRTTALSADSVAGRRFFYLAADIGPVASFSRSDTLTARVEEVAVDGRPLPLKELSPASRRLYR
GYEALFVPGDGGSRNYRIPAILKTANGTLIAMADRRKYNQTDLPEDIDIVMRRSTDGGKSWSDPRIIVQGEGRNHGFGDV
ALVQTQAGKLLMIFVGGVGLWQSTPDRPQRTYISESRDEGLTWSPPRDITHFIFGKDCADPGRSRWLASFCASGQGLVLP
SGRITFVAAIRESGQEYVLNNYVLYSDDEGDTWQLSDCAYRRGDEAKLSLMPDGRVLMSIRNQGRQESRQRFFALSSDDG
LTWERAKQFEGIHDPGCNGAMLQVKRNGRDQVLHSLPLGPDGRRDGAVYLFDHVSGRWSAPVVVNSGSSAYSDMTLLADG
TIGYFVEEGDEISLVFIRFVLDDLFDVRQ
;
_entity_poly.pdbx_strand_id   A
#
# COMPACT_ATOMS: atom_id res chain seq x y z
N GLN A 14 0.20 32.62 20.45
CA GLN A 14 -0.13 32.39 19.05
C GLN A 14 1.09 31.92 18.27
N GLU A 15 1.21 30.60 18.12
CA GLU A 15 2.31 29.96 17.41
C GLU A 15 1.81 29.41 16.09
N VAL A 16 2.76 29.17 15.18
CA VAL A 16 2.47 28.63 13.86
C VAL A 16 3.28 27.36 13.67
N THR A 17 2.60 26.25 13.42
CA THR A 17 3.27 24.98 13.16
C THR A 17 3.21 24.68 11.67
N MET A 18 4.28 24.06 11.17
CA MET A 18 4.54 23.93 9.73
C MET A 18 4.89 22.50 9.37
N TRP A 19 4.21 21.94 8.36
CA TRP A 19 4.53 20.62 7.83
C TRP A 19 4.81 20.71 6.33
N GLY A 20 6.03 20.40 5.92
CA GLY A 20 6.28 20.17 4.51
C GLY A 20 5.71 18.85 4.06
N ASP A 21 5.29 18.78 2.79
CA ASP A 21 4.75 17.53 2.26
C ASP A 21 5.89 16.67 1.71
N SER A 22 5.80 15.35 1.93
CA SER A 22 6.77 14.39 1.41
C SER A 22 6.14 13.35 0.49
N HIS A 23 4.92 13.55 0.04
CA HIS A 23 4.27 12.55 -0.81
C HIS A 23 4.72 12.72 -2.25
N GLY A 24 4.67 11.62 -3.01
CA GLY A 24 5.01 11.67 -4.42
C GLY A 24 4.07 12.56 -5.19
N VAL A 25 4.55 13.00 -6.37
CA VAL A 25 3.72 13.68 -7.35
C VAL A 25 3.93 13.05 -8.70
N ALA A 26 3.07 13.43 -9.65
CA ALA A 26 3.16 13.05 -11.05
C ALA A 26 2.91 14.28 -11.92
N PRO A 27 3.30 14.23 -13.20
CA PRO A 27 3.08 15.40 -14.07
C PRO A 27 1.62 15.81 -14.17
N ASN A 28 1.41 17.12 -14.30
CA ASN A 28 0.12 17.75 -14.56
C ASN A 28 -0.88 17.64 -13.41
N GLN A 29 -0.44 17.24 -12.23
CA GLN A 29 -1.38 17.22 -11.12
C GLN A 29 -1.55 18.63 -10.57
N VAL A 30 -2.71 18.88 -9.97
CA VAL A 30 -3.10 20.24 -9.62
C VAL A 30 -3.28 20.37 -8.10
N ARG A 31 -2.93 21.55 -7.61
N ARG A 31 -2.93 21.54 -7.59
CA ARG A 31 -3.07 21.91 -6.20
CA ARG A 31 -3.11 21.88 -6.18
C ARG A 31 -2.44 20.86 -5.29
C ARG A 31 -2.44 20.85 -5.27
N ARG A 32 -1.19 20.54 -5.59
CA ARG A 32 -0.39 19.65 -4.75
C ARG A 32 0.21 20.47 -3.61
N THR A 33 -0.01 20.03 -2.39
CA THR A 33 0.51 20.74 -1.24
C THR A 33 2.03 20.62 -1.19
N LEU A 34 2.70 21.75 -1.03
CA LEU A 34 4.12 21.77 -0.73
C LEU A 34 4.37 21.93 0.76
N VAL A 35 3.72 22.92 1.35
CA VAL A 35 3.84 23.24 2.76
C VAL A 35 2.46 23.63 3.25
N LYS A 36 2.11 23.19 4.45
CA LYS A 36 0.91 23.62 5.13
C LYS A 36 1.30 24.16 6.49
N VAL A 37 0.55 25.13 6.98
CA VAL A 37 0.84 25.74 8.27
C VAL A 37 -0.47 25.90 9.02
N ALA A 38 -0.37 25.95 10.34
CA ALA A 38 -1.52 25.99 11.21
C ALA A 38 -1.32 27.12 12.21
N LEU A 39 -2.22 28.10 12.18
CA LEU A 39 -2.31 29.05 13.27
C LEU A 39 -2.89 28.33 14.48
N SER A 40 -2.32 28.59 15.66
CA SER A 40 -2.88 28.01 16.88
C SER A 40 -4.20 28.69 17.26
N GLU A 41 -4.40 29.95 16.85
CA GLU A 41 -5.66 30.63 17.11
C GLU A 41 -6.10 31.35 15.85
N SER A 42 -7.42 31.54 15.74
CA SER A 42 -7.96 32.43 14.72
C SER A 42 -7.36 33.83 14.87
N LEU A 43 -7.26 34.52 13.75
CA LEU A 43 -6.76 35.90 13.74
C LEU A 43 -7.59 36.76 14.68
N PRO A 44 -6.93 37.62 15.48
CA PRO A 44 -7.67 38.43 16.44
C PRO A 44 -8.51 39.47 15.73
N PRO A 45 -9.60 39.93 16.35
CA PRO A 45 -10.27 41.13 15.84
C PRO A 45 -9.29 42.29 15.83
N GLY A 46 -9.42 43.15 14.84
CA GLY A 46 -8.44 44.19 14.61
C GLY A 46 -7.36 43.80 13.64
N ALA A 47 -7.02 42.51 13.58
CA ALA A 47 -6.21 42.01 12.48
C ALA A 47 -6.95 42.23 11.17
N LYS A 48 -6.25 42.78 10.19
CA LYS A 48 -6.82 43.06 8.88
C LYS A 48 -6.28 42.16 7.77
N GLN A 49 -5.01 41.77 7.86
CA GLN A 49 -4.34 41.09 6.76
C GLN A 49 -3.31 40.12 7.32
N ILE A 50 -3.11 39.01 6.61
CA ILE A 50 -2.02 38.07 6.90
C ILE A 50 -1.19 37.92 5.63
N ARG A 51 0.11 37.78 5.81
CA ARG A 51 1.06 37.70 4.70
C ARG A 51 1.97 36.52 4.93
N ILE A 52 2.19 35.71 3.90
CA ILE A 52 2.99 34.49 4.02
C ILE A 52 4.14 34.61 3.05
N GLY A 53 5.36 34.68 3.57
CA GLY A 53 6.56 34.63 2.75
C GLY A 53 7.16 33.23 2.78
N PHE A 54 7.62 32.76 1.63
CA PHE A 54 8.05 31.38 1.49
C PHE A 54 9.28 31.33 0.60
N SER A 55 9.98 30.20 0.64
CA SER A 55 11.09 29.94 -0.26
C SER A 55 10.78 28.76 -1.16
N LEU A 56 11.42 28.74 -2.31
CA LEU A 56 11.16 27.71 -3.32
C LEU A 56 12.29 27.77 -4.34
N PRO A 57 13.07 26.71 -4.48
CA PRO A 57 14.23 26.77 -5.37
C PRO A 57 13.84 26.76 -6.83
N LYS A 58 14.77 27.24 -7.67
CA LYS A 58 14.51 27.37 -9.11
C LYS A 58 14.13 26.01 -9.72
N GLU A 59 14.77 24.95 -9.25
CA GLU A 59 14.53 23.62 -9.79
C GLU A 59 13.09 23.18 -9.54
N THR A 60 12.52 23.54 -8.38
CA THR A 60 11.11 23.28 -8.14
C THR A 60 10.25 24.21 -8.98
N GLU A 61 10.62 25.49 -9.06
CA GLU A 61 9.87 26.46 -9.85
C GLU A 61 9.80 26.05 -11.32
N GLU A 62 10.88 25.48 -11.85
CA GLU A 62 10.86 25.02 -13.23
C GLU A 62 9.93 23.84 -13.43
N LYS A 63 9.61 23.11 -12.36
CA LYS A 63 8.77 21.92 -12.46
C LYS A 63 7.28 22.21 -12.24
N VAL A 64 6.93 23.43 -11.85
CA VAL A 64 5.55 23.80 -11.58
C VAL A 64 5.08 24.81 -12.60
N THR A 65 3.76 24.87 -12.80
CA THR A 65 3.17 25.85 -13.70
C THR A 65 2.42 26.97 -12.97
N ALA A 66 2.07 26.77 -11.71
CA ALA A 66 1.27 27.76 -10.97
C ALA A 66 1.34 27.43 -9.48
N LEU A 67 1.23 28.47 -8.66
CA LEU A 67 1.21 28.36 -7.21
C LEU A 67 -0.12 28.87 -6.67
N TYR A 68 -0.44 28.43 -5.46
CA TYR A 68 -1.69 28.79 -4.82
C TYR A 68 -1.50 28.90 -3.32
N LEU A 69 -2.26 29.79 -2.73
CA LEU A 69 -2.54 29.75 -1.32
C LEU A 69 -3.92 29.12 -1.17
N LEU A 70 -4.01 28.04 -0.40
CA LEU A 70 -5.30 27.46 -0.06
C LEU A 70 -5.57 27.72 1.42
N VAL A 71 -6.83 28.02 1.73
CA VAL A 71 -7.27 28.27 3.11
C VAL A 71 -8.42 27.34 3.43
N SER A 72 -8.36 26.70 4.59
CA SER A 72 -9.37 25.71 4.93
C SER A 72 -9.61 25.70 6.42
N ASP A 73 -10.77 25.19 6.81
CA ASP A 73 -11.06 24.89 8.20
C ASP A 73 -10.57 23.51 8.61
N SER A 74 -10.05 22.73 7.66
CA SER A 74 -9.50 21.41 7.92
C SER A 74 -7.99 21.46 7.80
N LEU A 75 -7.31 20.70 8.66
CA LEU A 75 -5.87 20.48 8.57
C LEU A 75 -5.68 19.06 8.11
N ALA A 76 -5.41 18.86 6.82
CA ALA A 76 -5.49 17.52 6.25
C ALA A 76 -4.11 16.93 6.01
N VAL A 77 -4.05 15.60 6.02
CA VAL A 77 -2.80 14.89 5.79
C VAL A 77 -2.39 15.00 4.33
N ARG A 78 -3.31 14.69 3.42
CA ARG A 78 -3.01 14.58 2.00
C ARG A 78 -3.42 15.84 1.25
N ASP A 79 -3.04 15.89 -0.03
CA ASP A 79 -3.52 16.94 -0.93
C ASP A 79 -5.02 17.13 -0.82
N LEU A 80 -5.46 18.39 -0.75
CA LEU A 80 -6.87 18.64 -0.50
C LEU A 80 -7.80 18.05 -1.57
N PRO A 81 -7.45 17.99 -2.85
CA PRO A 81 -8.33 17.29 -3.81
C PRO A 81 -8.48 15.80 -3.52
N ASP A 82 -7.54 15.17 -2.80
CA ASP A 82 -7.69 13.75 -2.49
C ASP A 82 -8.88 13.48 -1.57
N TYR A 83 -9.43 14.49 -0.90
CA TYR A 83 -10.59 14.27 -0.03
C TYR A 83 -11.89 14.50 -0.76
N LYS A 84 -11.82 14.80 -2.07
CA LYS A 84 -12.95 14.77 -3.00
C LYS A 84 -14.13 15.62 -2.50
N GLY A 85 -13.82 16.81 -1.97
CA GLY A 85 -14.83 17.71 -1.50
C GLY A 85 -15.15 17.61 -0.01
N ARG A 86 -14.76 16.52 0.64
CA ARG A 86 -14.92 16.44 2.08
C ARG A 86 -14.12 17.50 2.80
N VAL A 87 -13.12 18.06 2.14
CA VAL A 87 -12.38 19.21 2.64
C VAL A 87 -12.73 20.38 1.76
N SER A 88 -13.31 21.42 2.33
CA SER A 88 -13.65 22.60 1.56
C SER A 88 -12.61 23.67 1.86
N TYR A 89 -12.28 24.45 0.85
CA TYR A 89 -11.16 25.38 0.93
C TYR A 89 -11.30 26.42 -0.16
N ASP A 90 -10.62 27.55 0.05
CA ASP A 90 -10.55 28.63 -0.93
C ASP A 90 -9.17 28.63 -1.59
N SER A 91 -9.12 29.05 -2.84
CA SER A 91 -7.88 28.97 -3.60
C SER A 91 -7.59 30.34 -4.18
N PHE A 92 -6.41 30.87 -3.85
CA PHE A 92 -5.91 32.13 -4.37
C PHE A 92 -4.59 31.86 -5.10
N PRO A 93 -4.47 32.27 -6.35
CA PRO A 93 -3.26 31.95 -7.12
C PRO A 93 -2.10 32.85 -6.76
N ILE A 94 -0.89 32.33 -6.97
CA ILE A 94 0.35 33.06 -6.76
C ILE A 94 1.22 32.87 -8.00
N SER A 95 1.77 33.97 -8.51
CA SER A 95 2.70 33.87 -9.63
C SER A 95 3.90 33.03 -9.22
N LYS A 96 4.25 32.05 -10.05
CA LYS A 96 5.27 31.09 -9.62
C LYS A 96 6.62 31.75 -9.39
N GLU A 97 6.85 32.93 -9.96
CA GLU A 97 8.06 33.70 -9.69
C GLU A 97 7.99 34.47 -8.38
N ASP A 98 6.81 34.57 -7.77
CA ASP A 98 6.67 35.32 -6.53
C ASP A 98 7.10 34.48 -5.33
N ARG A 99 7.29 35.17 -4.19
CA ARG A 99 7.73 34.51 -2.97
C ARG A 99 6.99 35.03 -1.75
N THR A 100 5.88 35.73 -1.95
CA THR A 100 5.04 36.18 -0.85
C THR A 100 3.61 36.28 -1.34
N THR A 101 2.67 36.18 -0.42
CA THR A 101 1.27 36.38 -0.76
C THR A 101 0.53 36.84 0.49
N ALA A 102 -0.61 37.52 0.27
CA ALA A 102 -1.33 38.14 1.36
C ALA A 102 -2.83 37.98 1.15
N LEU A 103 -3.56 38.05 2.25
CA LEU A 103 -5.00 37.84 2.21
C LEU A 103 -5.60 38.52 3.43
N SER A 104 -6.75 39.16 3.24
CA SER A 104 -7.38 39.88 4.33
C SER A 104 -7.91 38.90 5.38
N ALA A 105 -7.90 39.35 6.63
CA ALA A 105 -8.47 38.55 7.71
C ALA A 105 -9.93 38.21 7.45
N ASP A 106 -10.67 39.08 6.77
CA ASP A 106 -12.07 38.79 6.46
C ASP A 106 -12.20 37.66 5.44
N SER A 107 -11.21 37.51 4.55
CA SER A 107 -11.23 36.36 3.65
C SER A 107 -10.89 35.08 4.39
N VAL A 108 -9.89 35.14 5.27
CA VAL A 108 -9.55 33.94 6.04
C VAL A 108 -10.75 33.46 6.84
N ALA A 109 -11.55 34.40 7.34
CA ALA A 109 -12.86 34.10 7.95
C ALA A 109 -12.72 33.18 9.17
N GLY A 110 -11.71 33.46 10.00
CA GLY A 110 -11.48 32.68 11.19
C GLY A 110 -10.75 31.37 10.99
N ARG A 111 -10.52 30.96 9.74
CA ARG A 111 -9.86 29.69 9.51
C ARG A 111 -8.41 29.76 9.94
N ARG A 112 -7.81 28.59 10.18
CA ARG A 112 -6.48 28.54 10.77
C ARG A 112 -5.45 27.79 9.94
N PHE A 113 -5.84 27.19 8.82
CA PHE A 113 -4.95 26.26 8.11
C PHE A 113 -4.71 26.77 6.70
N PHE A 114 -3.42 26.94 6.36
CA PHE A 114 -2.99 27.55 5.13
C PHE A 114 -2.06 26.59 4.40
N TYR A 115 -2.21 26.50 3.08
CA TYR A 115 -1.46 25.57 2.24
C TYR A 115 -0.80 26.33 1.10
N LEU A 116 0.50 26.12 0.91
CA LEU A 116 1.16 26.53 -0.32
C LEU A 116 1.12 25.35 -1.27
N ALA A 117 0.37 25.48 -2.36
CA ALA A 117 0.19 24.37 -3.27
C ALA A 117 0.65 24.76 -4.67
N ALA A 118 0.85 23.76 -5.52
CA ALA A 118 1.35 23.97 -6.86
C ALA A 118 0.66 23.06 -7.84
N ASP A 119 0.63 23.49 -9.10
CA ASP A 119 0.24 22.66 -10.23
C ASP A 119 1.51 22.11 -10.85
N ILE A 120 1.61 20.80 -10.95
CA ILE A 120 2.84 20.20 -11.48
C ILE A 120 2.87 20.38 -12.98
N GLY A 121 4.06 20.70 -13.51
CA GLY A 121 4.22 20.84 -14.93
C GLY A 121 4.17 19.50 -15.66
N PRO A 122 4.38 19.55 -16.98
CA PRO A 122 4.61 18.32 -17.78
C PRO A 122 6.09 17.96 -17.84
N VAL A 123 6.67 17.64 -16.69
CA VAL A 123 8.06 17.21 -16.61
C VAL A 123 8.20 15.82 -17.23
N ALA A 124 9.41 15.51 -17.71
CA ALA A 124 9.66 14.22 -18.32
C ALA A 124 11.10 13.79 -18.02
N SER A 125 11.45 13.68 -16.74
CA SER A 125 12.78 13.20 -16.36
C SER A 125 12.69 11.95 -15.49
N PHE A 126 12.14 12.05 -14.29
CA PHE A 126 11.89 10.92 -13.40
C PHE A 126 13.15 10.30 -12.82
N SER A 127 14.33 10.90 -13.04
CA SER A 127 15.53 10.45 -12.34
C SER A 127 15.37 10.69 -10.83
N ARG A 128 16.35 10.24 -10.02
CA ARG A 128 16.21 10.43 -8.58
C ARG A 128 16.30 11.90 -8.15
N SER A 129 16.79 12.78 -9.02
CA SER A 129 17.02 14.18 -8.66
C SER A 129 15.76 15.01 -8.61
N ASP A 130 14.72 14.63 -9.34
CA ASP A 130 13.47 15.40 -9.47
C ASP A 130 12.71 15.41 -8.14
N THR A 131 13.09 16.31 -7.24
CA THR A 131 12.43 16.42 -5.94
C THR A 131 11.95 17.84 -5.71
N LEU A 132 10.64 17.98 -5.47
CA LEU A 132 10.04 19.31 -5.31
C LEU A 132 10.00 19.68 -3.85
N THR A 133 10.27 20.96 -3.57
CA THR A 133 10.30 21.42 -2.19
C THR A 133 9.99 22.91 -2.13
N ALA A 134 9.63 23.36 -0.93
CA ALA A 134 9.33 24.75 -0.62
C ALA A 134 9.30 24.83 0.88
N ARG A 135 9.34 26.05 1.41
CA ARG A 135 9.31 26.17 2.86
C ARG A 135 8.78 27.55 3.20
N VAL A 136 7.93 27.61 4.23
CA VAL A 136 7.43 28.91 4.70
C VAL A 136 8.47 29.51 5.63
N GLU A 137 8.84 30.77 5.34
CA GLU A 137 9.86 31.47 6.12
C GLU A 137 9.26 32.43 7.13
N GLU A 138 8.05 32.92 6.88
CA GLU A 138 7.50 33.94 7.76
C GLU A 138 5.99 34.01 7.56
N VAL A 139 5.27 34.10 8.67
CA VAL A 139 3.85 34.40 8.67
C VAL A 139 3.67 35.64 9.53
N ALA A 140 3.12 36.70 8.92
CA ALA A 140 2.98 38.00 9.59
C ALA A 140 1.53 38.44 9.56
N VAL A 141 1.03 38.88 10.69
CA VAL A 141 -0.34 39.38 10.80
C VAL A 141 -0.22 40.88 10.97
N ASP A 142 -0.52 41.63 9.91
CA ASP A 142 -0.47 43.07 9.91
C ASP A 142 0.96 43.59 10.10
N GLY A 143 1.94 42.80 9.68
CA GLY A 143 3.33 43.16 9.83
C GLY A 143 4.01 42.54 11.04
N ARG A 144 3.25 42.11 12.04
CA ARG A 144 3.77 41.47 13.25
C ARG A 144 4.11 40.01 12.94
N PRO A 145 5.38 39.65 12.74
CA PRO A 145 5.70 38.27 12.40
C PRO A 145 5.50 37.35 13.59
N LEU A 146 4.90 36.19 13.32
CA LEU A 146 4.55 35.14 14.27
C LEU A 146 5.68 34.12 14.39
N PRO A 147 5.79 33.44 15.54
CA PRO A 147 6.79 32.37 15.66
C PRO A 147 6.35 31.13 14.92
N LEU A 148 7.24 30.58 14.08
CA LEU A 148 6.94 29.41 13.28
C LEU A 148 7.91 28.29 13.64
N LYS A 149 7.36 27.09 13.87
CA LYS A 149 8.11 25.89 14.20
C LYS A 149 7.88 24.82 13.14
N GLU A 150 8.97 24.25 12.64
CA GLU A 150 8.89 23.23 11.61
C GLU A 150 8.81 21.85 12.25
N LEU A 151 7.77 21.11 11.92
CA LEU A 151 7.68 19.71 12.32
C LEU A 151 8.07 18.75 11.20
N SER A 152 8.13 19.22 9.96
CA SER A 152 8.39 18.36 8.81
C SER A 152 8.96 19.15 7.65
N PRO A 153 9.95 18.62 6.95
CA PRO A 153 10.44 19.28 5.73
C PRO A 153 9.73 18.74 4.50
N ALA A 154 9.79 19.52 3.43
CA ALA A 154 9.08 19.22 2.20
C ALA A 154 10.04 18.60 1.19
N SER A 155 9.64 17.47 0.63
CA SER A 155 10.39 16.82 -0.46
C SER A 155 9.45 15.87 -1.17
N ARG A 156 8.98 16.24 -2.37
CA ARG A 156 7.99 15.47 -3.10
C ARG A 156 8.63 14.98 -4.38
N ARG A 157 8.81 13.66 -4.49
CA ARG A 157 9.48 13.10 -5.66
C ARG A 157 8.48 12.87 -6.78
N LEU A 158 8.94 13.12 -8.00
CA LEU A 158 8.16 12.99 -9.23
C LEU A 158 8.23 11.55 -9.74
N TYR A 159 7.07 10.91 -9.90
CA TYR A 159 6.98 9.58 -10.50
C TYR A 159 6.14 9.66 -11.74
N ARG A 160 6.25 8.64 -12.60
CA ARG A 160 5.48 8.66 -13.84
C ARG A 160 3.99 8.58 -13.56
N GLY A 161 3.61 7.91 -12.48
CA GLY A 161 2.24 7.94 -12.02
C GLY A 161 2.21 7.91 -10.51
N TYR A 162 1.20 8.57 -9.95
CA TYR A 162 1.05 8.61 -8.50
C TYR A 162 -0.38 9.00 -8.17
N GLU A 163 -1.10 8.13 -7.45
CA GLU A 163 -2.50 8.42 -7.17
C GLU A 163 -2.97 7.64 -5.96
N ALA A 164 -3.64 8.31 -5.03
CA ALA A 164 -4.23 7.67 -3.87
C ALA A 164 -5.58 7.05 -4.26
N LEU A 165 -5.65 5.71 -4.26
CA LEU A 165 -6.87 5.04 -4.73
C LEU A 165 -7.92 4.94 -3.65
N PHE A 166 -7.52 4.85 -2.39
CA PHE A 166 -8.44 4.74 -1.27
C PHE A 166 -7.93 5.66 -0.18
N VAL A 167 -8.74 6.64 0.21
CA VAL A 167 -8.35 7.68 1.15
C VAL A 167 -9.32 7.65 2.32
N PRO A 168 -8.82 7.76 3.59
CA PRO A 168 -9.72 7.84 4.74
C PRO A 168 -10.92 8.75 4.51
N GLY A 169 -12.13 8.25 4.78
CA GLY A 169 -13.33 9.01 4.54
C GLY A 169 -14.01 8.73 3.22
N ASP A 170 -13.29 8.17 2.24
CA ASP A 170 -13.92 7.79 0.96
C ASP A 170 -15.15 6.91 1.20
N GLY A 171 -16.27 7.31 0.58
CA GLY A 171 -17.51 6.56 0.67
C GLY A 171 -18.05 6.33 2.05
N GLY A 172 -17.62 7.12 3.04
CA GLY A 172 -18.12 6.94 4.38
C GLY A 172 -17.34 5.97 5.24
N SER A 173 -16.35 5.28 4.68
CA SER A 173 -15.48 4.42 5.47
C SER A 173 -14.39 5.28 6.12
N ARG A 174 -14.24 5.13 7.44
CA ARG A 174 -13.22 5.89 8.14
C ARG A 174 -11.83 5.57 7.63
N ASN A 175 -11.57 4.28 7.31
CA ASN A 175 -10.21 3.83 7.04
C ASN A 175 -10.15 2.84 5.91
N TYR A 176 -8.92 2.59 5.46
CA TYR A 176 -8.59 1.60 4.44
C TYR A 176 -7.25 0.98 4.82
N ARG A 177 -7.04 -0.27 4.40
CA ARG A 177 -5.84 -1.03 4.69
C ARG A 177 -5.77 -2.21 3.73
N ILE A 178 -4.59 -2.82 3.67
CA ILE A 178 -4.41 -4.13 3.04
C ILE A 178 -4.57 -4.09 1.52
N PRO A 179 -3.59 -3.61 0.78
CA PRO A 179 -3.72 -3.52 -0.69
C PRO A 179 -3.52 -4.86 -1.39
N ALA A 180 -4.24 -5.02 -2.49
CA ALA A 180 -3.98 -6.10 -3.44
C ALA A 180 -4.13 -5.53 -4.83
N ILE A 181 -3.26 -5.94 -5.75
CA ILE A 181 -3.35 -5.46 -7.11
C ILE A 181 -3.23 -6.67 -8.03
N LEU A 182 -3.82 -6.57 -9.23
CA LEU A 182 -3.78 -7.65 -10.20
C LEU A 182 -3.85 -7.06 -11.60
N LYS A 183 -2.99 -7.52 -12.49
CA LYS A 183 -3.08 -7.22 -13.91
C LYS A 183 -3.52 -8.47 -14.64
N THR A 184 -4.52 -8.35 -15.50
CA THR A 184 -5.02 -9.50 -16.24
C THR A 184 -4.36 -9.58 -17.62
N ALA A 185 -4.45 -10.77 -18.22
CA ALA A 185 -3.93 -11.00 -19.56
C ALA A 185 -4.46 -9.97 -20.55
N ASN A 186 -5.60 -9.36 -20.24
CA ASN A 186 -6.17 -8.33 -21.09
C ASN A 186 -5.82 -6.93 -20.62
N GLY A 187 -4.91 -6.80 -19.65
CA GLY A 187 -4.41 -5.51 -19.25
C GLY A 187 -5.24 -4.77 -18.24
N THR A 188 -6.43 -5.27 -17.90
CA THR A 188 -7.22 -4.73 -16.82
C THR A 188 -6.44 -4.79 -15.50
N LEU A 189 -6.45 -3.69 -14.79
CA LEU A 189 -5.89 -3.62 -13.45
C LEU A 189 -7.02 -3.69 -12.44
N ILE A 190 -6.86 -4.55 -11.43
CA ILE A 190 -7.81 -4.67 -10.34
C ILE A 190 -7.12 -4.31 -9.05
N ALA A 191 -7.71 -3.37 -8.31
CA ALA A 191 -7.15 -2.91 -7.04
C ALA A 191 -8.16 -3.18 -5.95
N MET A 192 -7.77 -3.93 -4.91
CA MET A 192 -8.68 -4.19 -3.81
C MET A 192 -8.03 -3.81 -2.48
N ALA A 193 -8.90 -3.69 -1.46
CA ALA A 193 -8.56 -3.12 -0.18
C ALA A 193 -9.57 -3.58 0.87
N ASP A 194 -9.12 -3.59 2.12
CA ASP A 194 -10.03 -3.63 3.26
C ASP A 194 -10.74 -2.28 3.39
N ARG A 195 -12.07 -2.31 3.35
CA ARG A 195 -12.87 -1.13 3.69
C ARG A 195 -13.10 -1.17 5.19
N ARG A 196 -12.28 -0.44 5.95
CA ARG A 196 -12.32 -0.52 7.42
C ARG A 196 -13.20 0.63 7.93
N LYS A 197 -14.49 0.31 8.13
CA LYS A 197 -15.53 1.33 8.19
C LYS A 197 -15.45 2.18 9.47
N TYR A 198 -15.09 1.58 10.59
CA TYR A 198 -15.24 2.29 11.85
C TYR A 198 -13.94 2.71 12.49
N ASN A 199 -12.82 2.13 12.07
CA ASN A 199 -11.50 2.35 12.66
C ASN A 199 -10.49 1.51 11.88
N GLN A 200 -9.21 1.60 12.21
CA GLN A 200 -8.17 0.98 11.39
C GLN A 200 -7.82 -0.45 11.83
N THR A 201 -8.43 -0.98 12.87
CA THR A 201 -8.07 -2.29 13.40
C THR A 201 -8.69 -3.43 12.58
N ASP A 202 -8.09 -4.63 12.71
CA ASP A 202 -8.43 -5.79 11.90
C ASP A 202 -9.70 -6.47 12.42
N LEU A 203 -10.14 -7.54 11.73
CA LEU A 203 -11.12 -8.45 12.30
C LEU A 203 -10.73 -8.74 13.74
N PRO A 204 -11.69 -8.84 14.68
CA PRO A 204 -13.14 -8.97 14.51
C PRO A 204 -13.92 -7.68 14.21
N GLU A 205 -13.28 -6.57 13.86
CA GLU A 205 -14.04 -5.40 13.46
C GLU A 205 -14.87 -5.68 12.21
N ASP A 206 -15.83 -4.79 11.97
CA ASP A 206 -16.72 -4.80 10.82
C ASP A 206 -16.00 -4.19 9.62
N ILE A 207 -15.64 -5.02 8.64
CA ILE A 207 -14.83 -4.62 7.49
C ILE A 207 -15.43 -5.19 6.22
N ASP A 208 -15.42 -4.40 5.12
CA ASP A 208 -15.84 -4.83 3.79
C ASP A 208 -14.62 -5.00 2.87
N ILE A 209 -14.84 -5.66 1.75
CA ILE A 209 -13.85 -5.69 0.66
C ILE A 209 -14.33 -4.77 -0.45
N VAL A 210 -13.46 -3.85 -0.90
CA VAL A 210 -13.83 -2.87 -1.92
C VAL A 210 -12.83 -2.96 -3.06
N MET A 211 -13.22 -2.43 -4.22
CA MET A 211 -12.45 -2.60 -5.44
C MET A 211 -12.64 -1.40 -6.35
N ARG A 212 -11.57 -1.04 -7.06
CA ARG A 212 -11.59 -0.13 -8.19
C ARG A 212 -10.89 -0.83 -9.33
N ARG A 213 -11.28 -0.50 -10.56
CA ARG A 213 -10.65 -1.08 -11.74
C ARG A 213 -10.18 0.04 -12.65
N SER A 214 -9.20 -0.30 -13.48
CA SER A 214 -8.66 0.56 -14.50
C SER A 214 -8.51 -0.25 -15.76
N THR A 215 -9.01 0.28 -16.89
CA THR A 215 -8.85 -0.38 -18.17
C THR A 215 -7.89 0.36 -19.09
N ASP A 216 -7.16 1.36 -18.58
CA ASP A 216 -6.21 2.10 -19.39
C ASP A 216 -4.82 2.08 -18.76
N GLY A 217 -4.42 0.93 -18.20
CA GLY A 217 -3.09 0.81 -17.65
C GLY A 217 -2.86 1.61 -16.38
N GLY A 218 -3.91 2.00 -15.69
CA GLY A 218 -3.77 2.73 -14.44
C GLY A 218 -3.75 4.24 -14.56
N LYS A 219 -4.15 4.79 -15.71
CA LYS A 219 -4.29 6.23 -15.82
C LYS A 219 -5.52 6.71 -15.09
N SER A 220 -6.60 5.92 -15.13
CA SER A 220 -7.85 6.33 -14.51
C SER A 220 -8.57 5.10 -14.00
N TRP A 221 -9.33 5.29 -12.93
CA TRP A 221 -9.90 4.18 -12.18
C TRP A 221 -11.39 4.40 -12.05
N SER A 222 -12.13 3.30 -12.10
CA SER A 222 -13.56 3.30 -11.87
C SER A 222 -13.85 3.69 -10.42
N ASP A 223 -15.12 4.01 -10.16
CA ASP A 223 -15.55 4.31 -8.81
C ASP A 223 -15.52 3.05 -7.94
N PRO A 224 -15.19 3.20 -6.65
CA PRO A 224 -15.12 2.02 -5.78
C PRO A 224 -16.48 1.34 -5.66
N ARG A 225 -16.45 0.02 -5.69
CA ARG A 225 -17.63 -0.81 -5.54
C ARG A 225 -17.35 -1.80 -4.42
N ILE A 226 -18.26 -1.86 -3.44
CA ILE A 226 -18.13 -2.86 -2.38
C ILE A 226 -18.50 -4.22 -2.96
N ILE A 227 -17.56 -5.15 -3.02
CA ILE A 227 -17.94 -6.44 -3.59
C ILE A 227 -18.22 -7.48 -2.50
N VAL A 228 -17.65 -7.32 -1.30
CA VAL A 228 -18.02 -8.20 -0.18
C VAL A 228 -18.32 -7.34 1.04
N GLN A 229 -19.50 -7.52 1.61
CA GLN A 229 -20.01 -6.63 2.63
C GLN A 229 -19.87 -7.26 4.01
N GLY A 230 -19.15 -6.58 4.89
CA GLY A 230 -19.15 -6.95 6.29
C GLY A 230 -20.53 -6.76 6.90
N GLU A 231 -20.90 -7.70 7.76
CA GLU A 231 -22.24 -7.76 8.34
C GLU A 231 -22.26 -7.51 9.84
N GLY A 232 -21.28 -6.76 10.34
CA GLY A 232 -21.17 -6.50 11.76
C GLY A 232 -19.83 -6.97 12.33
N ARG A 233 -19.58 -6.54 13.56
CA ARG A 233 -18.48 -7.09 14.33
C ARG A 233 -18.60 -8.60 14.36
N ASN A 234 -17.46 -9.28 14.26
CA ASN A 234 -17.32 -10.73 14.15
C ASN A 234 -17.84 -11.27 12.82
N HIS A 235 -18.22 -10.39 11.88
CA HIS A 235 -18.76 -10.84 10.60
C HIS A 235 -18.22 -10.00 9.45
N GLY A 236 -16.98 -9.52 9.56
CA GLY A 236 -16.35 -8.76 8.51
C GLY A 236 -15.58 -9.66 7.56
N PHE A 237 -14.93 -9.04 6.58
CA PHE A 237 -14.16 -9.78 5.59
C PHE A 237 -12.93 -8.94 5.28
N GLY A 238 -11.85 -9.60 4.86
CA GLY A 238 -10.67 -8.85 4.47
C GLY A 238 -9.51 -9.75 4.09
N ASP A 239 -8.36 -9.10 3.91
CA ASP A 239 -7.10 -9.73 3.52
C ASP A 239 -7.23 -10.42 2.16
N VAL A 240 -7.50 -9.62 1.13
CA VAL A 240 -7.70 -10.15 -0.21
C VAL A 240 -6.36 -10.54 -0.83
N ALA A 241 -6.31 -11.70 -1.49
CA ALA A 241 -5.24 -11.99 -2.43
C ALA A 241 -5.85 -12.39 -3.77
N LEU A 242 -5.15 -12.06 -4.86
CA LEU A 242 -5.69 -12.18 -6.22
C LEU A 242 -4.78 -13.04 -7.09
N VAL A 243 -5.38 -13.81 -8.01
CA VAL A 243 -4.66 -14.39 -9.13
C VAL A 243 -5.56 -14.35 -10.36
N GLN A 244 -4.95 -14.56 -11.53
CA GLN A 244 -5.68 -14.95 -12.72
C GLN A 244 -5.34 -16.41 -13.03
N THR A 245 -6.35 -17.27 -13.13
CA THR A 245 -6.03 -18.65 -13.40
C THR A 245 -5.67 -18.84 -14.87
N GLN A 246 -5.14 -20.03 -15.19
CA GLN A 246 -4.67 -20.26 -16.53
C GLN A 246 -5.83 -20.33 -17.52
N ALA A 247 -7.03 -20.71 -17.07
CA ALA A 247 -8.20 -20.68 -17.93
C ALA A 247 -8.76 -19.27 -18.11
N GLY A 248 -8.28 -18.29 -17.36
CA GLY A 248 -8.65 -16.90 -17.56
C GLY A 248 -9.54 -16.33 -16.49
N LYS A 249 -10.08 -17.14 -15.60
CA LYS A 249 -10.97 -16.62 -14.58
C LYS A 249 -10.15 -15.93 -13.49
N LEU A 250 -10.73 -14.87 -12.92
CA LEU A 250 -10.12 -14.15 -11.82
C LEU A 250 -10.52 -14.83 -10.53
N LEU A 251 -9.59 -14.94 -9.60
CA LEU A 251 -9.81 -15.65 -8.35
C LEU A 251 -9.37 -14.75 -7.20
N MET A 252 -10.27 -14.47 -6.28
CA MET A 252 -9.89 -13.77 -5.07
C MET A 252 -10.10 -14.69 -3.89
N ILE A 253 -9.22 -14.56 -2.89
CA ILE A 253 -9.26 -15.36 -1.66
C ILE A 253 -9.14 -14.41 -0.47
N PHE A 254 -9.93 -14.66 0.58
CA PHE A 254 -9.99 -13.72 1.69
C PHE A 254 -10.49 -14.45 2.93
N VAL A 255 -10.39 -13.78 4.07
CA VAL A 255 -10.91 -14.34 5.30
C VAL A 255 -12.09 -13.50 5.78
N GLY A 256 -12.90 -14.10 6.65
CA GLY A 256 -14.00 -13.40 7.29
C GLY A 256 -14.23 -13.94 8.69
N GLY A 257 -14.89 -13.11 9.52
CA GLY A 257 -15.28 -13.55 10.84
C GLY A 257 -14.49 -12.97 12.01
N VAL A 258 -14.24 -13.80 13.02
CA VAL A 258 -13.53 -13.36 14.22
C VAL A 258 -12.05 -13.14 13.92
N GLY A 259 -11.31 -12.58 14.87
CA GLY A 259 -9.90 -12.33 14.65
C GLY A 259 -9.08 -13.60 14.57
N LEU A 260 -7.87 -13.44 14.04
CA LEU A 260 -6.94 -14.56 13.83
C LEU A 260 -6.75 -15.38 15.11
N TRP A 261 -6.45 -14.70 16.23
CA TRP A 261 -6.19 -15.42 17.47
C TRP A 261 -7.44 -15.82 18.21
N GLN A 262 -8.61 -15.35 17.78
CA GLN A 262 -9.85 -15.83 18.36
C GLN A 262 -10.38 -17.06 17.65
N SER A 263 -9.94 -17.31 16.43
CA SER A 263 -10.40 -18.48 15.68
C SER A 263 -10.20 -19.76 16.49
N THR A 264 -11.11 -20.71 16.32
CA THR A 264 -11.04 -22.05 16.89
C THR A 264 -11.39 -23.07 15.83
N PRO A 265 -11.02 -24.34 16.03
CA PRO A 265 -11.47 -25.39 15.10
C PRO A 265 -12.95 -25.41 14.84
N ASP A 266 -13.78 -25.18 15.85
N ASP A 266 -13.79 -25.18 15.86
CA ASP A 266 -15.23 -25.24 15.68
CA ASP A 266 -15.23 -25.24 15.64
C ASP A 266 -15.87 -23.89 15.40
C ASP A 266 -15.86 -23.88 15.35
N ARG A 267 -15.21 -22.78 15.74
CA ARG A 267 -15.67 -21.43 15.38
C ARG A 267 -14.49 -20.72 14.73
N PRO A 268 -14.19 -21.05 13.49
CA PRO A 268 -13.01 -20.49 12.83
C PRO A 268 -13.28 -19.18 12.12
N GLN A 269 -12.24 -18.37 12.05
CA GLN A 269 -12.18 -17.36 11.00
C GLN A 269 -12.04 -18.09 9.68
N ARG A 270 -13.00 -17.89 8.78
CA ARG A 270 -13.11 -18.75 7.61
C ARG A 270 -12.38 -18.16 6.41
N THR A 271 -12.02 -19.04 5.48
CA THR A 271 -11.39 -18.65 4.22
C THR A 271 -12.39 -18.85 3.10
N TYR A 272 -12.51 -17.86 2.22
CA TYR A 272 -13.48 -17.89 1.13
C TYR A 272 -12.78 -17.60 -0.18
N ILE A 273 -13.36 -18.08 -1.28
CA ILE A 273 -12.93 -17.66 -2.60
C ILE A 273 -14.12 -17.19 -3.41
N SER A 274 -13.82 -16.39 -4.41
CA SER A 274 -14.79 -15.81 -5.30
C SER A 274 -14.09 -15.61 -6.64
N GLU A 275 -14.84 -15.75 -7.71
CA GLU A 275 -14.29 -15.72 -9.05
C GLU A 275 -15.01 -14.71 -9.94
N SER A 276 -14.29 -14.23 -10.96
CA SER A 276 -14.83 -13.31 -11.96
C SER A 276 -14.44 -13.75 -13.36
N ARG A 277 -15.44 -13.83 -14.24
CA ARG A 277 -15.23 -14.16 -15.65
C ARG A 277 -15.52 -13.00 -16.56
N ASP A 278 -15.52 -11.77 -16.04
CA ASP A 278 -15.77 -10.60 -16.86
C ASP A 278 -14.85 -9.46 -16.42
N GLU A 279 -13.56 -9.79 -16.29
CA GLU A 279 -12.50 -8.80 -16.03
C GLU A 279 -12.74 -8.05 -14.72
N GLY A 280 -13.27 -8.75 -13.73
CA GLY A 280 -13.46 -8.15 -12.42
C GLY A 280 -14.69 -7.28 -12.26
N LEU A 281 -15.59 -7.23 -13.27
CA LEU A 281 -16.82 -6.45 -13.12
C LEU A 281 -17.79 -7.10 -12.12
N THR A 282 -18.05 -8.39 -12.27
CA THR A 282 -18.90 -9.09 -11.31
C THR A 282 -18.15 -10.30 -10.75
N TRP A 283 -18.51 -10.65 -9.51
CA TRP A 283 -17.83 -11.66 -8.72
C TRP A 283 -18.85 -12.66 -8.18
N SER A 284 -18.45 -13.93 -8.12
CA SER A 284 -19.36 -14.97 -7.68
C SER A 284 -19.61 -14.86 -6.17
N PRO A 285 -20.72 -15.39 -5.68
CA PRO A 285 -20.98 -15.37 -4.22
C PRO A 285 -19.93 -16.16 -3.47
N PRO A 286 -19.44 -15.65 -2.34
CA PRO A 286 -18.26 -16.24 -1.70
C PRO A 286 -18.48 -17.67 -1.28
N ARG A 287 -17.44 -18.48 -1.44
CA ARG A 287 -17.51 -19.91 -1.21
C ARG A 287 -16.54 -20.26 -0.10
N ASP A 288 -17.07 -20.78 1.01
CA ASP A 288 -16.26 -21.19 2.14
C ASP A 288 -15.38 -22.38 1.73
N ILE A 289 -14.06 -22.23 1.81
CA ILE A 289 -13.21 -23.39 1.57
C ILE A 289 -12.44 -23.81 2.81
N THR A 290 -12.79 -23.28 3.98
CA THR A 290 -12.10 -23.62 5.22
C THR A 290 -11.93 -25.12 5.41
N HIS A 291 -12.96 -25.91 5.06
CA HIS A 291 -12.94 -27.34 5.30
C HIS A 291 -11.82 -28.05 4.58
N PHE A 292 -11.26 -27.45 3.53
CA PHE A 292 -10.09 -28.01 2.85
C PHE A 292 -8.81 -27.82 3.64
N ILE A 293 -8.80 -26.90 4.60
CA ILE A 293 -7.58 -26.45 5.24
C ILE A 293 -7.45 -26.97 6.68
N PHE A 294 -8.49 -26.81 7.49
CA PHE A 294 -8.39 -27.15 8.91
C PHE A 294 -9.78 -27.15 9.50
N GLY A 295 -9.88 -27.65 10.75
CA GLY A 295 -11.05 -27.43 11.57
C GLY A 295 -12.03 -28.59 11.59
N LYS A 296 -13.23 -28.29 12.10
CA LYS A 296 -14.21 -29.34 12.41
C LYS A 296 -14.71 -30.07 11.18
N ASP A 297 -14.75 -29.40 10.02
CA ASP A 297 -15.24 -30.02 8.79
C ASP A 297 -14.12 -30.60 7.94
N CYS A 298 -12.88 -30.57 8.42
CA CYS A 298 -11.74 -31.01 7.63
C CYS A 298 -11.66 -32.53 7.56
N ALA A 299 -11.43 -33.05 6.36
CA ALA A 299 -11.38 -34.50 6.14
C ALA A 299 -10.12 -35.13 6.70
N ASP A 300 -9.04 -34.37 6.87
CA ASP A 300 -7.81 -34.89 7.41
C ASP A 300 -7.85 -34.75 8.94
N PRO A 301 -7.93 -35.85 9.69
CA PRO A 301 -7.96 -35.71 11.16
C PRO A 301 -6.68 -35.14 11.76
N GLY A 302 -5.57 -35.16 11.01
CA GLY A 302 -4.35 -34.49 11.47
C GLY A 302 -4.50 -32.99 11.62
N ARG A 303 -5.48 -32.38 10.94
CA ARG A 303 -5.68 -30.94 11.01
C ARG A 303 -7.04 -30.59 11.58
N SER A 304 -7.78 -31.59 12.07
CA SER A 304 -9.05 -31.34 12.76
C SER A 304 -8.93 -30.29 13.85
N ARG A 305 -7.78 -30.21 14.53
CA ARG A 305 -7.63 -29.36 15.72
C ARG A 305 -6.71 -28.16 15.49
N TRP A 306 -6.31 -27.90 14.26
CA TRP A 306 -5.71 -26.60 13.96
C TRP A 306 -6.74 -25.50 14.19
N LEU A 307 -6.24 -24.28 14.45
CA LEU A 307 -7.09 -23.22 14.98
C LEU A 307 -7.43 -22.12 13.99
N ALA A 308 -6.53 -21.82 13.03
CA ALA A 308 -6.65 -20.63 12.21
C ALA A 308 -5.77 -20.79 10.99
N SER A 309 -6.19 -20.15 9.90
CA SER A 309 -5.40 -20.07 8.68
C SER A 309 -5.74 -18.77 7.97
N PHE A 310 -4.73 -18.09 7.43
CA PHE A 310 -5.04 -17.04 6.46
C PHE A 310 -3.95 -16.93 5.41
N CYS A 311 -4.38 -16.70 4.17
CA CYS A 311 -3.46 -16.47 3.07
C CYS A 311 -3.00 -15.02 3.09
N ALA A 312 -1.70 -14.83 2.82
CA ALA A 312 -1.14 -13.49 2.78
C ALA A 312 -1.87 -12.64 1.74
N SER A 313 -2.26 -11.44 2.15
CA SER A 313 -2.95 -10.55 1.22
C SER A 313 -2.01 -10.06 0.11
N GLY A 314 -2.60 -9.75 -1.04
CA GLY A 314 -1.84 -9.30 -2.17
C GLY A 314 -2.09 -10.17 -3.38
N GLN A 315 -1.08 -10.92 -3.80
CA GLN A 315 -1.22 -11.81 -4.93
C GLN A 315 -0.73 -13.21 -4.58
N GLY A 316 -1.33 -14.20 -5.22
CA GLY A 316 -0.83 -15.55 -5.17
C GLY A 316 0.07 -15.80 -6.35
N LEU A 317 0.12 -17.06 -6.80
CA LEU A 317 0.97 -17.41 -7.92
C LEU A 317 0.33 -18.59 -8.64
N VAL A 318 0.19 -18.45 -9.95
CA VAL A 318 -0.26 -19.53 -10.81
C VAL A 318 0.97 -20.06 -11.54
N LEU A 319 1.30 -21.33 -11.31
CA LEU A 319 2.48 -21.95 -11.88
C LEU A 319 2.30 -22.22 -13.36
N PRO A 320 3.38 -22.53 -14.08
CA PRO A 320 3.24 -22.92 -15.49
C PRO A 320 2.37 -24.15 -15.71
N SER A 321 2.27 -25.05 -14.73
CA SER A 321 1.39 -26.21 -14.86
C SER A 321 -0.08 -25.86 -14.85
N GLY A 322 -0.45 -24.65 -14.44
CA GLY A 322 -1.83 -24.34 -14.13
C GLY A 322 -2.15 -24.34 -12.65
N ARG A 323 -1.31 -24.98 -11.82
CA ARG A 323 -1.55 -25.03 -10.38
C ARG A 323 -1.64 -23.63 -9.77
N ILE A 324 -2.73 -23.37 -9.04
CA ILE A 324 -2.94 -22.08 -8.38
C ILE A 324 -2.47 -22.21 -6.94
N THR A 325 -1.72 -21.22 -6.44
CA THR A 325 -1.15 -21.30 -5.10
C THR A 325 -1.27 -19.99 -4.34
N PHE A 326 -1.43 -20.14 -3.02
CA PHE A 326 -1.26 -19.09 -2.02
C PHE A 326 -0.56 -19.73 -0.82
N VAL A 327 0.22 -18.94 -0.10
CA VAL A 327 0.81 -19.42 1.14
C VAL A 327 -0.12 -19.02 2.28
N ALA A 328 -0.72 -20.04 2.90
CA ALA A 328 -1.43 -19.87 4.16
C ALA A 328 -0.46 -19.84 5.32
N ALA A 329 -0.73 -18.99 6.30
CA ALA A 329 -0.04 -19.02 7.58
C ALA A 329 -1.04 -19.59 8.59
N ILE A 330 -0.65 -20.65 9.27
CA ILE A 330 -1.57 -21.55 9.96
C ILE A 330 -1.20 -21.61 11.44
N ARG A 331 -2.19 -21.45 12.31
CA ARG A 331 -2.01 -21.65 13.74
C ARG A 331 -2.41 -23.07 14.09
N GLU A 332 -1.43 -23.89 14.46
CA GLU A 332 -1.66 -25.29 14.76
C GLU A 332 -1.94 -25.56 16.23
N SER A 333 -1.52 -24.69 17.16
CA SER A 333 -1.64 -24.95 18.59
C SER A 333 -2.18 -23.73 19.35
N GLY A 334 -3.13 -23.96 20.24
CA GLY A 334 -3.62 -22.90 21.10
C GLY A 334 -2.69 -22.51 22.23
N GLN A 335 -1.59 -23.22 22.39
N GLN A 335 -1.59 -23.22 22.39
CA GLN A 335 -0.65 -22.94 23.47
CA GLN A 335 -0.65 -22.92 23.47
C GLN A 335 0.42 -21.92 23.07
C GLN A 335 0.48 -21.99 23.03
N GLU A 336 0.38 -21.40 21.84
CA GLU A 336 1.36 -20.42 21.41
C GLU A 336 0.77 -19.51 20.34
N TYR A 337 1.39 -18.34 20.20
CA TYR A 337 0.93 -17.38 19.21
C TYR A 337 1.88 -17.33 18.03
N VAL A 338 2.14 -18.48 17.40
CA VAL A 338 3.00 -18.48 16.22
C VAL A 338 2.31 -19.28 15.12
N LEU A 339 2.76 -19.06 13.89
CA LEU A 339 2.13 -19.62 12.71
C LEU A 339 3.14 -20.44 11.92
N ASN A 340 2.65 -21.45 11.20
CA ASN A 340 3.47 -22.21 10.28
C ASN A 340 2.94 -22.01 8.87
N ASN A 341 3.84 -21.93 7.87
CA ASN A 341 3.44 -21.72 6.50
C ASN A 341 3.21 -23.05 5.77
N TYR A 342 2.10 -23.13 5.03
CA TYR A 342 1.80 -24.22 4.12
C TYR A 342 1.33 -23.61 2.80
N VAL A 343 1.64 -24.25 1.68
CA VAL A 343 1.05 -23.80 0.42
C VAL A 343 -0.36 -24.36 0.29
N LEU A 344 -1.31 -23.49 0.00
CA LEU A 344 -2.66 -23.86 -0.37
C LEU A 344 -2.75 -23.83 -1.89
N TYR A 345 -3.12 -24.94 -2.51
CA TYR A 345 -3.05 -25.00 -3.98
C TYR A 345 -4.23 -25.78 -4.55
N SER A 346 -4.46 -25.56 -5.84
CA SER A 346 -5.56 -26.17 -6.57
C SER A 346 -5.07 -26.57 -7.94
N ASP A 347 -5.30 -27.83 -8.28
CA ASP A 347 -4.95 -28.35 -9.59
C ASP A 347 -6.16 -28.43 -10.51
N ASP A 348 -7.30 -27.86 -10.11
CA ASP A 348 -8.55 -28.01 -10.87
C ASP A 348 -9.32 -26.70 -10.93
N GLU A 349 -8.61 -25.60 -11.18
CA GLU A 349 -9.20 -24.29 -11.41
C GLU A 349 -10.00 -23.77 -10.22
N GLY A 350 -9.68 -24.26 -9.02
CA GLY A 350 -10.34 -23.84 -7.81
C GLY A 350 -11.40 -24.79 -7.28
N ASP A 351 -11.74 -25.84 -8.02
CA ASP A 351 -12.80 -26.75 -7.57
C ASP A 351 -12.44 -27.38 -6.22
N THR A 352 -11.22 -27.84 -6.06
CA THR A 352 -10.76 -28.37 -4.77
C THR A 352 -9.39 -27.83 -4.43
N TRP A 353 -9.02 -28.00 -3.16
CA TRP A 353 -7.82 -27.38 -2.60
C TRP A 353 -7.08 -28.37 -1.72
N GLN A 354 -5.75 -28.33 -1.77
CA GLN A 354 -4.89 -29.16 -0.92
C GLN A 354 -3.83 -28.29 -0.25
N LEU A 355 -3.13 -28.88 0.70
CA LEU A 355 -2.04 -28.23 1.42
C LEU A 355 -0.75 -28.95 1.09
N SER A 356 0.33 -28.18 1.02
CA SER A 356 1.65 -28.75 0.86
C SER A 356 2.12 -29.26 2.22
N ASP A 357 3.28 -29.88 2.24
CA ASP A 357 3.96 -30.08 3.51
C ASP A 357 4.37 -28.73 4.07
N CYS A 358 4.75 -28.72 5.35
CA CYS A 358 5.05 -27.46 6.01
C CYS A 358 6.21 -26.77 5.30
N ALA A 359 6.04 -25.49 5.00
CA ALA A 359 7.07 -24.75 4.29
C ALA A 359 7.94 -23.94 5.22
N TYR A 360 7.46 -23.56 6.40
CA TYR A 360 8.24 -22.69 7.26
C TYR A 360 7.68 -22.72 8.67
N ARG A 361 8.56 -22.98 9.64
N ARG A 361 8.56 -22.99 9.64
CA ARG A 361 8.20 -22.99 11.05
CA ARG A 361 8.22 -23.00 11.05
C ARG A 361 8.35 -21.59 11.63
C ARG A 361 8.35 -21.59 11.61
N ARG A 362 7.33 -21.14 12.35
CA ARG A 362 7.28 -19.77 12.90
C ARG A 362 7.37 -18.73 11.78
N GLY A 363 6.55 -18.93 10.75
CA GLY A 363 6.43 -17.99 9.66
C GLY A 363 5.35 -16.96 9.87
N ASP A 364 4.90 -16.39 8.75
CA ASP A 364 3.85 -15.39 8.74
C ASP A 364 3.48 -15.15 7.29
N GLU A 365 2.99 -13.97 6.95
CA GLU A 365 2.57 -13.69 5.59
C GLU A 365 3.72 -14.00 4.64
N ALA A 366 3.45 -14.82 3.63
CA ALA A 366 4.48 -15.28 2.72
C ALA A 366 3.98 -15.19 1.29
N LYS A 367 4.93 -15.05 0.36
CA LYS A 367 4.66 -14.80 -1.03
C LYS A 367 5.55 -15.67 -1.88
N LEU A 368 5.08 -15.96 -3.08
CA LEU A 368 5.74 -16.85 -4.02
C LEU A 368 6.05 -16.09 -5.30
N SER A 369 7.12 -16.51 -5.98
CA SER A 369 7.37 -16.10 -7.34
C SER A 369 8.13 -17.21 -8.04
N LEU A 370 8.09 -17.20 -9.36
CA LEU A 370 8.71 -18.23 -10.18
C LEU A 370 10.17 -17.91 -10.44
N MET A 371 11.06 -18.77 -9.97
CA MET A 371 12.49 -18.70 -10.26
C MET A 371 12.73 -18.87 -11.77
N PRO A 372 13.80 -18.27 -12.31
CA PRO A 372 14.15 -18.49 -13.72
C PRO A 372 14.34 -19.96 -14.11
N ASP A 373 14.76 -20.83 -13.18
CA ASP A 373 14.88 -22.26 -13.45
C ASP A 373 13.57 -23.01 -13.24
N GLY A 374 12.46 -22.33 -12.96
CA GLY A 374 11.20 -23.00 -12.72
C GLY A 374 10.98 -23.49 -11.31
N ARG A 375 11.98 -23.40 -10.43
CA ARG A 375 11.72 -23.59 -9.02
C ARG A 375 10.89 -22.42 -8.50
N VAL A 376 10.38 -22.57 -7.28
CA VAL A 376 9.48 -21.59 -6.68
C VAL A 376 10.18 -21.00 -5.46
N LEU A 377 10.17 -19.69 -5.36
CA LEU A 377 10.83 -19.00 -4.26
C LEU A 377 9.75 -18.47 -3.31
N MET A 378 9.95 -18.69 -2.02
CA MET A 378 9.05 -18.18 -1.00
C MET A 378 9.75 -17.10 -0.21
N SER A 379 9.03 -15.99 0.02
CA SER A 379 9.45 -14.88 0.86
C SER A 379 8.55 -14.83 2.08
N ILE A 380 9.12 -15.00 3.27
CA ILE A 380 8.35 -15.16 4.50
C ILE A 380 8.61 -13.96 5.41
N ARG A 381 7.54 -13.26 5.77
CA ARG A 381 7.59 -12.21 6.77
C ARG A 381 8.21 -12.71 8.08
N ASN A 382 9.07 -11.88 8.66
CA ASN A 382 9.74 -12.20 9.93
C ASN A 382 8.87 -11.66 11.06
N GLN A 383 8.24 -12.55 11.82
CA GLN A 383 7.41 -12.14 12.94
C GLN A 383 8.15 -12.32 14.25
N GLY A 384 8.07 -11.32 15.13
CA GLY A 384 8.67 -11.40 16.44
C GLY A 384 10.14 -11.09 16.47
N ARG A 385 10.66 -10.40 15.46
CA ARG A 385 12.10 -10.05 15.40
C ARG A 385 12.96 -11.29 15.62
N GLN A 386 12.68 -12.34 14.86
CA GLN A 386 13.51 -13.53 14.99
C GLN A 386 14.89 -13.28 14.38
N GLU A 387 15.85 -14.12 14.81
CA GLU A 387 17.22 -14.14 14.30
C GLU A 387 17.81 -12.73 14.15
N SER A 388 18.24 -12.37 12.93
CA SER A 388 18.84 -11.07 12.69
C SER A 388 17.83 -10.04 12.17
N ARG A 389 16.54 -10.29 12.36
CA ARG A 389 15.48 -9.41 11.87
C ARG A 389 15.51 -9.28 10.36
N GLN A 390 15.91 -10.34 9.68
CA GLN A 390 16.00 -10.33 8.22
C GLN A 390 14.79 -11.01 7.63
N ARG A 391 14.53 -10.71 6.36
CA ARG A 391 13.51 -11.42 5.61
C ARG A 391 13.89 -12.91 5.46
N PHE A 392 12.90 -13.79 5.60
CA PHE A 392 13.16 -15.22 5.43
C PHE A 392 12.79 -15.68 4.03
N PHE A 393 13.53 -16.67 3.53
CA PHE A 393 13.28 -17.23 2.20
C PHE A 393 13.35 -18.75 2.23
N ALA A 394 12.56 -19.37 1.33
CA ALA A 394 12.56 -20.82 1.16
C ALA A 394 12.42 -21.14 -0.34
N LEU A 395 12.88 -22.34 -0.72
CA LEU A 395 12.85 -22.80 -2.10
C LEU A 395 12.10 -24.12 -2.22
N SER A 396 11.36 -24.28 -3.33
CA SER A 396 10.70 -25.53 -3.68
C SER A 396 11.07 -25.92 -5.10
N SER A 397 11.32 -27.20 -5.31
CA SER A 397 11.71 -27.66 -6.64
C SER A 397 10.75 -28.70 -7.20
N ASP A 398 9.59 -28.85 -6.59
CA ASP A 398 8.54 -29.75 -7.03
C ASP A 398 7.20 -29.01 -7.06
N ASP A 399 7.24 -27.74 -7.49
CA ASP A 399 6.03 -26.94 -7.73
C ASP A 399 5.23 -26.74 -6.45
N GLY A 400 5.92 -26.51 -5.33
CA GLY A 400 5.27 -26.09 -4.11
C GLY A 400 5.00 -27.18 -3.09
N LEU A 401 5.11 -28.46 -3.44
CA LEU A 401 4.74 -29.50 -2.51
C LEU A 401 5.67 -29.54 -1.31
N THR A 402 6.98 -29.37 -1.51
CA THR A 402 7.92 -29.43 -0.41
C THR A 402 8.95 -28.31 -0.49
N TRP A 403 9.56 -28.00 0.65
CA TRP A 403 10.27 -26.75 0.83
C TRP A 403 11.53 -26.95 1.65
N GLU A 404 12.50 -26.05 1.43
CA GLU A 404 13.63 -25.97 2.33
C GLU A 404 14.09 -24.52 2.41
N ARG A 405 14.54 -24.15 3.61
CA ARG A 405 15.10 -22.83 3.86
C ARG A 405 16.22 -22.51 2.88
N ALA A 406 16.23 -21.28 2.41
CA ALA A 406 17.25 -20.82 1.48
C ALA A 406 17.84 -19.53 2.03
N LYS A 407 18.74 -19.67 3.02
CA LYS A 407 19.44 -18.49 3.55
C LYS A 407 20.22 -17.77 2.47
N GLN A 408 20.60 -18.46 1.39
CA GLN A 408 21.37 -17.82 0.33
C GLN A 408 20.66 -16.58 -0.23
N PHE A 409 19.33 -16.52 -0.13
CA PHE A 409 18.59 -15.34 -0.56
C PHE A 409 18.43 -14.29 0.53
N GLU A 410 18.82 -14.58 1.77
CA GLU A 410 18.61 -13.55 2.78
C GLU A 410 19.59 -12.39 2.54
N GLY A 411 19.41 -11.30 3.28
CA GLY A 411 20.27 -10.15 3.09
C GLY A 411 19.56 -8.80 3.07
N ILE A 412 18.24 -8.78 3.24
CA ILE A 412 17.52 -7.53 3.43
C ILE A 412 16.79 -7.58 4.76
N HIS A 413 16.66 -6.40 5.37
CA HIS A 413 15.98 -6.29 6.66
C HIS A 413 14.48 -6.43 6.50
N ASP A 414 13.83 -7.07 7.47
CA ASP A 414 12.37 -7.14 7.50
C ASP A 414 11.90 -6.62 8.84
N PRO A 415 11.38 -5.41 8.91
CA PRO A 415 10.83 -4.91 10.18
C PRO A 415 9.58 -5.67 10.63
N GLY A 416 9.05 -6.57 9.80
CA GLY A 416 7.91 -7.40 10.15
C GLY A 416 6.69 -6.96 9.39
N CYS A 417 6.71 -7.16 8.08
CA CYS A 417 5.70 -6.54 7.25
C CYS A 417 5.48 -7.36 5.99
N ASN A 418 4.28 -7.24 5.43
CA ASN A 418 3.95 -7.91 4.19
C ASN A 418 4.59 -7.15 3.02
N GLY A 419 5.22 -7.89 2.11
CA GLY A 419 5.77 -7.27 0.93
C GLY A 419 5.44 -8.08 -0.32
N ALA A 420 6.12 -7.77 -1.41
CA ALA A 420 5.83 -8.48 -2.64
C ALA A 420 7.13 -8.66 -3.42
N MET A 421 7.11 -9.64 -4.33
CA MET A 421 8.21 -9.91 -5.23
C MET A 421 7.73 -9.79 -6.67
N LEU A 422 8.65 -9.44 -7.56
CA LEU A 422 8.47 -9.52 -9.00
C LEU A 422 9.77 -10.04 -9.60
N GLN A 423 9.66 -11.03 -10.46
CA GLN A 423 10.80 -11.44 -11.27
C GLN A 423 10.89 -10.52 -12.47
N VAL A 424 12.00 -9.79 -12.61
CA VAL A 424 12.15 -8.87 -13.72
C VAL A 424 13.47 -9.16 -14.42
N LYS A 425 13.54 -8.76 -15.68
CA LYS A 425 14.79 -8.77 -16.42
C LYS A 425 15.26 -7.33 -16.52
N ARG A 426 16.50 -7.08 -16.08
CA ARG A 426 17.07 -5.75 -16.04
C ARG A 426 18.44 -5.79 -16.67
N ASN A 427 18.63 -5.00 -17.74
CA ASN A 427 19.90 -4.94 -18.47
C ASN A 427 20.41 -6.34 -18.80
N GLY A 428 19.47 -7.21 -19.19
CA GLY A 428 19.78 -8.58 -19.55
C GLY A 428 19.97 -9.54 -18.40
N ARG A 429 19.77 -9.10 -17.16
CA ARG A 429 19.97 -9.96 -16.00
C ARG A 429 18.64 -10.27 -15.33
N ASP A 430 18.46 -11.55 -14.98
CA ASP A 430 17.30 -11.97 -14.19
C ASP A 430 17.45 -11.49 -12.76
N GLN A 431 16.46 -10.75 -12.27
CA GLN A 431 16.54 -10.18 -10.94
C GLN A 431 15.18 -10.29 -10.28
N VAL A 432 15.15 -10.10 -8.96
CA VAL A 432 13.90 -10.07 -8.21
C VAL A 432 13.77 -8.73 -7.53
N LEU A 433 12.67 -8.04 -7.83
CA LEU A 433 12.32 -6.81 -7.14
C LEU A 433 11.51 -7.17 -5.88
N HIS A 434 11.87 -6.58 -4.75
CA HIS A 434 11.19 -6.88 -3.49
C HIS A 434 10.87 -5.57 -2.78
N SER A 435 9.62 -5.41 -2.39
CA SER A 435 9.19 -4.21 -1.69
C SER A 435 9.00 -4.53 -0.21
N LEU A 436 9.47 -3.62 0.63
CA LEU A 436 9.38 -3.76 2.08
C LEU A 436 9.64 -2.39 2.67
N PRO A 437 9.13 -2.09 3.86
CA PRO A 437 9.57 -0.89 4.57
C PRO A 437 11.06 -0.97 4.88
N LEU A 438 11.77 0.14 4.72
CA LEU A 438 13.18 0.16 5.06
C LEU A 438 13.36 0.11 6.57
N GLY A 439 12.42 0.68 7.32
CA GLY A 439 12.58 0.85 8.74
C GLY A 439 13.66 1.88 9.03
N PRO A 440 14.60 1.51 9.90
CA PRO A 440 14.80 0.18 10.50
C PRO A 440 13.88 -0.06 11.70
N ASP A 441 13.39 -1.29 11.86
CA ASP A 441 12.62 -1.71 13.03
C ASP A 441 11.34 -0.91 13.20
N GLY A 442 10.63 -0.69 12.10
CA GLY A 442 9.42 0.09 12.13
C GLY A 442 8.85 0.22 10.73
N ARG A 443 7.61 0.71 10.66
CA ARG A 443 6.90 0.81 9.39
C ARG A 443 7.12 2.17 8.74
N ARG A 444 8.33 2.33 8.21
CA ARG A 444 8.79 3.60 7.68
C ARG A 444 9.53 3.41 6.36
N ASP A 445 9.36 4.40 5.48
CA ASP A 445 10.12 4.53 4.23
C ASP A 445 9.96 3.29 3.33
N GLY A 446 8.89 3.26 2.54
CA GLY A 446 8.63 2.09 1.73
C GLY A 446 9.65 2.01 0.62
N ALA A 447 10.31 0.87 0.49
CA ALA A 447 11.45 0.76 -0.41
C ALA A 447 11.27 -0.43 -1.35
N VAL A 448 12.14 -0.49 -2.35
CA VAL A 448 12.28 -1.71 -3.14
C VAL A 448 13.76 -2.03 -3.19
N TYR A 449 14.07 -3.32 -3.35
CA TYR A 449 15.41 -3.84 -3.54
C TYR A 449 15.42 -4.72 -4.78
N LEU A 450 16.58 -4.84 -5.40
CA LEU A 450 16.76 -5.75 -6.52
C LEU A 450 17.73 -6.85 -6.08
N PHE A 451 17.30 -8.10 -6.21
CA PHE A 451 18.19 -9.23 -5.98
C PHE A 451 18.71 -9.72 -7.32
N ASP A 452 20.03 -9.61 -7.54
CA ASP A 452 20.67 -10.17 -8.73
C ASP A 452 20.85 -11.67 -8.56
N HIS A 453 20.21 -12.44 -9.45
CA HIS A 453 20.16 -13.90 -9.30
C HIS A 453 21.53 -14.55 -9.40
N VAL A 454 22.32 -14.15 -10.40
CA VAL A 454 23.57 -14.86 -10.67
C VAL A 454 24.59 -14.61 -9.56
N SER A 455 24.66 -13.39 -9.07
CA SER A 455 25.61 -13.08 -8.01
C SER A 455 25.07 -13.39 -6.63
N GLY A 456 23.75 -13.53 -6.49
CA GLY A 456 23.18 -13.68 -5.17
C GLY A 456 23.37 -12.46 -4.29
N ARG A 457 23.40 -11.27 -4.88
CA ARG A 457 23.61 -10.04 -4.11
C ARG A 457 22.40 -9.13 -4.19
N TRP A 458 22.02 -8.57 -3.05
CA TRP A 458 20.93 -7.58 -2.97
C TRP A 458 21.48 -6.19 -3.25
N SER A 459 20.73 -5.39 -3.99
CA SER A 459 21.07 -3.99 -4.14
C SER A 459 20.85 -3.25 -2.82
N ALA A 460 21.37 -2.03 -2.75
CA ALA A 460 20.95 -1.08 -1.74
C ALA A 460 19.46 -0.75 -1.94
N PRO A 461 18.73 -0.43 -0.87
CA PRO A 461 17.32 -0.07 -1.04
C PRO A 461 17.14 1.27 -1.71
N VAL A 462 16.03 1.41 -2.43
CA VAL A 462 15.59 2.70 -2.92
C VAL A 462 14.23 3.00 -2.28
N VAL A 463 14.13 4.13 -1.60
CA VAL A 463 12.91 4.52 -0.92
C VAL A 463 11.96 5.12 -1.95
N VAL A 464 10.85 4.42 -2.21
CA VAL A 464 9.80 4.94 -3.06
C VAL A 464 8.99 6.02 -2.34
N ASN A 465 8.56 5.74 -1.10
CA ASN A 465 7.70 6.67 -0.37
C ASN A 465 8.19 6.77 1.06
N SER A 466 8.68 7.96 1.42
CA SER A 466 9.18 8.22 2.76
C SER A 466 8.00 8.44 3.71
N GLY A 467 8.28 8.32 5.00
CA GLY A 467 7.25 8.45 6.01
C GLY A 467 6.71 7.11 6.43
N SER A 468 5.55 7.14 7.08
CA SER A 468 4.91 5.90 7.48
C SER A 468 4.57 5.08 6.25
N SER A 469 5.03 3.83 6.23
CA SER A 469 4.79 2.94 5.10
C SER A 469 4.58 1.52 5.61
N ALA A 470 3.66 0.77 5.00
CA ALA A 470 3.42 -0.58 5.51
C ALA A 470 3.23 -1.61 4.39
N TYR A 471 2.05 -2.22 4.27
CA TYR A 471 1.92 -3.29 3.27
C TYR A 471 2.11 -2.72 1.88
N SER A 472 2.74 -3.53 1.01
CA SER A 472 2.87 -3.19 -0.39
C SER A 472 2.54 -4.42 -1.23
N ASP A 473 2.02 -4.17 -2.42
CA ASP A 473 1.82 -5.20 -3.44
C ASP A 473 2.25 -4.61 -4.77
N MET A 474 2.73 -5.46 -5.67
CA MET A 474 3.43 -4.99 -6.85
C MET A 474 3.00 -5.79 -8.07
N THR A 475 2.71 -5.11 -9.17
CA THR A 475 2.39 -5.79 -10.40
C THR A 475 3.27 -5.25 -11.53
N LEU A 476 3.52 -6.11 -12.50
CA LEU A 476 4.31 -5.75 -13.67
C LEU A 476 3.34 -5.35 -14.79
N LEU A 477 3.44 -4.10 -15.25
CA LEU A 477 2.57 -3.68 -16.32
C LEU A 477 3.14 -4.12 -17.67
N ALA A 478 2.32 -4.01 -18.71
CA ALA A 478 2.63 -4.65 -19.99
C ALA A 478 3.99 -4.19 -20.54
N ASP A 479 4.26 -2.89 -20.50
CA ASP A 479 5.51 -2.35 -21.00
C ASP A 479 6.64 -2.38 -19.98
N GLY A 480 6.47 -3.08 -18.86
CA GLY A 480 7.55 -3.22 -17.89
C GLY A 480 7.59 -2.15 -16.83
N THR A 481 6.72 -1.15 -16.89
CA THR A 481 6.55 -0.27 -15.75
C THR A 481 6.11 -1.08 -14.55
N ILE A 482 6.61 -0.71 -13.37
CA ILE A 482 6.19 -1.34 -12.12
C ILE A 482 5.02 -0.54 -11.57
N GLY A 483 3.94 -1.26 -11.24
CA GLY A 483 2.81 -0.70 -10.52
C GLY A 483 2.95 -1.10 -9.06
N TYR A 484 3.06 -0.11 -8.21
CA TYR A 484 3.41 -0.29 -6.80
C TYR A 484 2.28 0.29 -5.96
N PHE A 485 1.68 -0.55 -5.12
CA PHE A 485 0.43 -0.24 -4.43
C PHE A 485 0.72 -0.36 -2.94
N VAL A 486 0.83 0.78 -2.24
CA VAL A 486 1.39 0.82 -0.88
C VAL A 486 0.44 1.48 0.11
N GLU A 487 0.61 1.11 1.38
CA GLU A 487 -0.05 1.78 2.50
C GLU A 487 0.76 3.00 2.96
N GLU A 488 0.20 4.19 2.83
CA GLU A 488 0.89 5.43 3.12
C GLU A 488 0.31 6.12 4.34
N GLY A 489 1.14 6.42 5.32
CA GLY A 489 0.76 7.30 6.39
C GLY A 489 0.38 6.55 7.65
N ASP A 490 0.20 7.31 8.73
N ASP A 490 0.15 7.33 8.70
CA ASP A 490 -0.25 6.70 9.98
CA ASP A 490 -0.29 6.81 10.00
C ASP A 490 -1.73 6.32 9.89
C ASP A 490 -1.75 6.39 9.96
N GLU A 491 -2.55 7.28 9.50
N GLU A 491 -2.88 7.02 9.87
CA GLU A 491 -3.89 6.98 9.02
CA GLU A 491 -4.06 6.99 9.01
C GLU A 491 -3.75 6.69 7.53
C GLU A 491 -3.65 6.67 7.59
N ILE A 492 -3.85 5.42 7.18
CA ILE A 492 -3.29 4.91 5.93
C ILE A 492 -4.15 5.29 4.74
N SER A 493 -3.50 5.70 3.65
CA SER A 493 -4.09 5.75 2.33
C SER A 493 -3.45 4.67 1.47
N LEU A 494 -4.22 4.08 0.57
CA LEU A 494 -3.67 3.10 -0.36
C LEU A 494 -3.37 3.83 -1.66
N VAL A 495 -2.09 3.84 -2.03
CA VAL A 495 -1.56 4.74 -3.04
C VAL A 495 -0.93 3.91 -4.16
N PHE A 496 -1.33 4.20 -5.40
CA PHE A 496 -0.83 3.52 -6.59
C PHE A 496 0.23 4.40 -7.25
N ILE A 497 1.43 3.85 -7.39
CA ILE A 497 2.60 4.54 -7.90
C ILE A 497 3.14 3.75 -9.08
N ARG A 498 3.47 4.45 -10.16
CA ARG A 498 4.06 3.86 -11.36
C ARG A 498 5.44 4.46 -11.60
N PHE A 499 6.41 3.59 -11.90
CA PHE A 499 7.77 4.00 -12.20
C PHE A 499 8.42 2.87 -12.99
N VAL A 500 9.48 3.18 -13.71
CA VAL A 500 10.31 2.15 -14.32
C VAL A 500 11.60 2.02 -13.54
N LEU A 501 12.22 0.84 -13.66
CA LEU A 501 13.34 0.52 -12.79
C LEU A 501 14.51 1.47 -13.01
N ASP A 502 14.64 2.03 -14.23
CA ASP A 502 15.70 3.01 -14.46
C ASP A 502 15.47 4.29 -13.65
N ASP A 503 14.21 4.68 -13.43
CA ASP A 503 13.95 5.88 -12.64
C ASP A 503 14.55 5.76 -11.24
N LEU A 504 14.66 4.55 -10.71
CA LEU A 504 15.05 4.34 -9.33
C LEU A 504 16.49 3.84 -9.18
N PHE A 505 17.03 3.14 -10.19
CA PHE A 505 18.30 2.45 -10.04
C PHE A 505 19.42 2.89 -10.98
N ASP A 506 19.13 3.72 -11.99
CA ASP A 506 20.23 4.27 -12.75
C ASP A 506 20.96 5.36 -11.95
N VAL A 507 22.16 5.70 -12.41
CA VAL A 507 22.98 6.73 -11.75
C VAL A 507 22.95 8.03 -12.54
#